data_6U5L
#
_entry.id   6U5L
#
_cell.length_a   90.421
_cell.length_b   90.421
_cell.length_c   188.956
_cell.angle_alpha   90.000
_cell.angle_beta   90.000
_cell.angle_gamma   120.000
#
_symmetry.space_group_name_H-M   'P 65 2 2'
#
loop_
_entity.id
_entity.type
_entity.pdbx_description
1 polymer 'Serine/threonine-protein kinase ULK4'
2 non-polymer N~2~-(1H-benzimidazol-6-yl)-N~4~-(5-cyclobutyl-1H-pyrazol-3-yl)quinazoline-2,4-diamine
3 non-polymer GLYCEROL
4 non-polymer DI(HYDROXYETHYL)ETHER
5 water water
#
_entity_poly.entity_id   1
_entity_poly.type   'polypeptide(L)'
_entity_poly.pdbx_seq_one_letter_code
;SGMENFILYEEIGRGSKTVVYKGRRKGTINFVAILCTDKCKRPEITNWVRLTREIKHKNIVTFHEWYETSNHLWLVVELC
TGGSLKTVIAQDENLPEDVVREFGIDLISGLHHLHKLGILFCDISPRKILLEGPGTLKFSNFCLAKVEGENLEEFFALVA
AEEGGGDNGENVLAASMKSRVKGSPVYTAPEVVRGADFSISSDLWSLGCLLYEMFSGKPPFFSESISELTEKILCEDPLP
PIPKDSSRPKASSDFINLLDGLLQRDPQKRLTWTRLLQHSFWKKAFA
;
_entity_poly.pdbx_strand_id   A
#
# COMPACT_ATOMS: atom_id res chain seq x y z
N SER A 1 30.55 -9.57 -5.69
CA SER A 1 30.03 -8.43 -4.90
C SER A 1 28.86 -7.73 -5.58
N GLY A 2 27.94 -7.23 -4.77
CA GLY A 2 26.85 -6.43 -5.31
C GLY A 2 26.06 -7.21 -6.33
N MET A 3 25.80 -6.57 -7.48
CA MET A 3 24.96 -7.19 -8.49
C MET A 3 25.67 -8.31 -9.24
N GLU A 4 26.99 -8.44 -9.08
CA GLU A 4 27.67 -9.65 -9.56
C GLU A 4 27.11 -10.92 -8.96
N ASN A 5 26.43 -10.81 -7.81
CA ASN A 5 26.03 -11.97 -7.05
C ASN A 5 24.64 -12.47 -7.42
N PHE A 6 24.01 -11.92 -8.46
CA PHE A 6 22.65 -12.25 -8.80
C PHE A 6 22.52 -12.62 -10.27
N ILE A 7 21.70 -13.64 -10.53
CA ILE A 7 21.22 -13.96 -11.87
C ILE A 7 19.94 -13.19 -12.09
N LEU A 8 19.83 -12.53 -13.25
CA LEU A 8 18.61 -11.83 -13.64
C LEU A 8 17.84 -12.67 -14.66
N TYR A 9 16.56 -12.89 -14.37
CA TYR A 9 15.69 -13.59 -15.32
C TYR A 9 14.78 -12.58 -16.01
N GLU A 10 13.53 -12.96 -16.27
CA GLU A 10 12.65 -12.11 -17.06
C GLU A 10 12.22 -10.88 -16.27
N GLU A 11 11.86 -9.84 -17.01
CA GLU A 11 11.19 -8.69 -16.42
C GLU A 11 9.80 -9.11 -15.96
N ILE A 12 9.44 -8.70 -14.74
CA ILE A 12 8.12 -8.99 -14.19
C ILE A 12 7.29 -7.73 -13.99
N GLY A 13 7.88 -6.55 -14.08
CA GLY A 13 7.12 -5.32 -13.96
C GLY A 13 7.95 -4.12 -14.39
N ARG A 14 7.25 -3.00 -14.59
CA ARG A 14 7.88 -1.76 -14.97
C ARG A 14 7.22 -0.61 -14.23
N GLY A 15 7.95 0.49 -14.15
CA GLY A 15 7.42 1.75 -13.66
C GLY A 15 8.15 2.89 -14.34
N SER A 16 7.91 4.12 -13.93
CA SER A 16 8.66 5.23 -14.47
C SER A 16 10.14 5.06 -14.15
N LYS A 17 10.96 4.97 -15.19
CA LYS A 17 12.41 4.87 -15.03
C LYS A 17 12.80 3.66 -14.19
N THR A 18 11.98 2.61 -14.23
CA THR A 18 12.15 1.46 -13.36
C THR A 18 11.78 0.19 -14.10
N VAL A 19 12.52 -0.87 -13.85
CA VAL A 19 12.20 -2.21 -14.32
C VAL A 19 12.46 -3.18 -13.18
N VAL A 20 11.55 -4.13 -12.98
CA VAL A 20 11.69 -5.15 -11.95
C VAL A 20 11.92 -6.50 -12.62
N TYR A 21 12.96 -7.19 -12.18
CA TYR A 21 13.30 -8.52 -12.66
C TYR A 21 13.11 -9.56 -11.58
N LYS A 22 12.72 -10.76 -12.00
CA LYS A 22 12.95 -11.93 -11.17
C LYS A 22 14.45 -12.23 -11.16
N GLY A 23 14.96 -12.58 -9.98
CA GLY A 23 16.38 -12.85 -9.84
C GLY A 23 16.63 -13.97 -8.84
N ARG A 24 17.89 -14.40 -8.80
CA ARG A 24 18.31 -15.43 -7.87
C ARG A 24 19.73 -15.12 -7.40
N ARG A 25 19.97 -15.29 -6.10
CA ARG A 25 21.32 -15.13 -5.55
C ARG A 25 22.19 -16.30 -6.00
N LYS A 26 23.29 -16.00 -6.68
CA LYS A 26 24.19 -17.05 -7.14
C LYS A 26 24.63 -17.93 -5.98
N GLY A 27 24.81 -19.21 -6.27
CA GLY A 27 25.17 -20.17 -5.25
C GLY A 27 24.06 -20.51 -4.27
N THR A 28 22.83 -20.08 -4.53
CA THR A 28 21.68 -20.43 -3.70
C THR A 28 20.51 -20.74 -4.61
N ILE A 29 19.43 -21.23 -4.00
CA ILE A 29 18.14 -21.34 -4.66
C ILE A 29 17.17 -20.27 -4.15
N ASN A 30 17.71 -19.17 -3.62
CA ASN A 30 16.89 -18.07 -3.09
C ASN A 30 16.53 -17.13 -4.22
N PHE A 31 15.25 -17.07 -4.57
CA PHE A 31 14.80 -16.13 -5.58
C PHE A 31 14.38 -14.81 -4.94
N VAL A 32 14.53 -13.73 -5.72
CA VAL A 32 14.29 -12.38 -5.24
C VAL A 32 13.63 -11.59 -6.37
N ALA A 33 13.12 -10.42 -6.00
CA ALA A 33 12.76 -9.40 -6.97
C ALA A 33 13.84 -8.33 -6.96
N ILE A 34 14.26 -7.90 -8.14
CA ILE A 34 15.34 -6.93 -8.27
C ILE A 34 14.79 -5.74 -9.03
N LEU A 35 14.68 -4.61 -8.33
CA LEU A 35 14.22 -3.37 -8.93
C LEU A 35 15.43 -2.57 -9.40
N CYS A 36 15.42 -2.21 -10.68
CA CYS A 36 16.50 -1.48 -11.31
C CYS A 36 15.96 -0.12 -11.73
N THR A 37 16.58 0.96 -11.24
CA THR A 37 16.05 2.29 -11.51
C THR A 37 17.17 3.29 -11.74
N ASP A 38 16.76 4.43 -12.28
CA ASP A 38 17.63 5.58 -12.49
C ASP A 38 18.13 6.13 -11.16
N LYS A 39 19.36 6.68 -11.17
CA LYS A 39 19.93 7.22 -9.94
C LYS A 39 19.18 8.43 -9.42
N CYS A 40 18.38 9.10 -10.27
CA CYS A 40 17.54 10.20 -9.79
C CYS A 40 16.52 9.74 -8.78
N LYS A 41 16.25 8.44 -8.68
CA LYS A 41 15.32 7.89 -7.72
C LYS A 41 15.97 7.57 -6.37
N ARG A 42 17.18 8.07 -6.13
CA ARG A 42 17.86 7.79 -4.86
C ARG A 42 17.03 8.19 -3.65
N PRO A 43 16.33 9.33 -3.64
CA PRO A 43 15.51 9.66 -2.46
C PRO A 43 14.43 8.62 -2.18
N GLU A 44 13.70 8.20 -3.20
CA GLU A 44 12.64 7.21 -3.01
C GLU A 44 13.19 5.88 -2.53
N ILE A 45 14.30 5.42 -3.13
CA ILE A 45 14.87 4.12 -2.75
C ILE A 45 15.45 4.19 -1.34
N THR A 46 16.16 5.29 -1.03
CA THR A 46 16.72 5.44 0.30
C THR A 46 15.64 5.41 1.37
N ASN A 47 14.52 6.08 1.11
CA ASN A 47 13.40 6.09 2.04
C ASN A 47 12.85 4.68 2.24
N TRP A 48 12.65 3.97 1.14
CA TRP A 48 12.14 2.61 1.20
C TRP A 48 13.04 1.73 2.06
N VAL A 49 14.35 1.83 1.85
CA VAL A 49 15.30 0.99 2.59
C VAL A 49 15.33 1.37 4.06
N ARG A 50 15.43 2.67 4.35
CA ARG A 50 15.62 3.06 5.75
C ARG A 50 14.40 2.71 6.60
N LEU A 51 13.22 2.66 6.00
CA LEU A 51 12.01 2.35 6.76
C LEU A 51 11.81 0.86 6.98
N THR A 52 12.23 0.02 6.02
CA THR A 52 11.85 -1.39 6.03
C THR A 52 13.01 -2.35 6.28
N ARG A 53 14.25 -1.87 6.30
CA ARG A 53 15.38 -2.79 6.25
C ARG A 53 15.43 -3.71 7.46
N GLU A 54 14.90 -3.29 8.62
CA GLU A 54 14.90 -4.14 9.81
C GLU A 54 13.56 -4.79 10.08
N ILE A 55 12.59 -4.66 9.18
CA ILE A 55 11.27 -5.24 9.37
C ILE A 55 11.27 -6.67 8.87
N LYS A 56 10.81 -7.59 9.71
CA LYS A 56 10.59 -8.98 9.30
C LYS A 56 9.16 -9.35 9.70
N HIS A 57 8.26 -9.30 8.71
CA HIS A 57 6.85 -9.56 8.93
C HIS A 57 6.25 -10.17 7.66
N LYS A 58 5.39 -11.17 7.86
CA LYS A 58 4.83 -11.93 6.73
C LYS A 58 4.08 -11.05 5.74
N ASN A 59 3.49 -9.95 6.19
CA ASN A 59 2.66 -9.09 5.36
C ASN A 59 3.38 -7.80 4.95
N ILE A 60 4.70 -7.80 4.97
CA ILE A 60 5.51 -6.68 4.49
C ILE A 60 6.66 -7.26 3.68
N VAL A 61 6.86 -6.74 2.46
N VAL A 61 6.86 -6.72 2.47
CA VAL A 61 7.91 -7.29 1.60
CA VAL A 61 7.93 -7.22 1.60
C VAL A 61 9.26 -7.10 2.29
C VAL A 61 9.27 -7.08 2.30
N THR A 62 10.05 -8.15 2.29
CA THR A 62 11.32 -8.18 2.99
C THR A 62 12.42 -7.48 2.18
N PHE A 63 13.22 -6.67 2.88
CA PHE A 63 14.41 -6.07 2.28
C PHE A 63 15.58 -7.04 2.39
N HIS A 64 16.36 -7.12 1.32
CA HIS A 64 17.59 -7.91 1.33
C HIS A 64 18.83 -7.05 1.13
N GLU A 65 18.90 -6.31 0.03
CA GLU A 65 20.10 -5.54 -0.30
C GLU A 65 19.72 -4.41 -1.22
N TRP A 66 20.59 -3.40 -1.30
CA TRP A 66 20.54 -2.44 -2.38
C TRP A 66 21.97 -2.13 -2.79
N TYR A 67 22.14 -1.79 -4.06
CA TYR A 67 23.45 -1.63 -4.65
C TYR A 67 23.39 -0.53 -5.69
N GLU A 68 24.57 -0.03 -6.03
CA GLU A 68 24.74 1.04 -7.00
C GLU A 68 25.76 0.59 -8.02
N THR A 69 25.42 0.72 -9.30
CA THR A 69 26.39 0.56 -10.38
C THR A 69 26.63 1.92 -11.01
N SER A 70 27.30 1.93 -12.17
CA SER A 70 27.72 3.21 -12.74
C SER A 70 26.53 4.08 -13.13
N ASN A 71 25.42 3.46 -13.57
CA ASN A 71 24.29 4.22 -14.08
C ASN A 71 22.95 3.78 -13.51
N HIS A 72 22.92 2.91 -12.51
CA HIS A 72 21.65 2.43 -11.98
C HIS A 72 21.73 2.22 -10.47
N LEU A 73 20.57 2.32 -9.83
CA LEU A 73 20.38 1.84 -8.47
C LEU A 73 19.60 0.53 -8.52
N TRP A 74 19.89 -0.33 -7.56
CA TRP A 74 19.34 -1.67 -7.52
C TRP A 74 18.80 -1.94 -6.13
N LEU A 75 17.57 -2.43 -6.07
CA LEU A 75 16.94 -2.80 -4.80
C LEU A 75 16.55 -4.26 -4.88
N VAL A 76 17.07 -5.07 -3.95
CA VAL A 76 16.81 -6.50 -3.91
C VAL A 76 15.88 -6.78 -2.74
N VAL A 77 14.68 -7.26 -3.05
CA VAL A 77 13.64 -7.50 -2.05
C VAL A 77 12.92 -8.80 -2.34
N GLU A 78 12.02 -9.17 -1.43
CA GLU A 78 11.24 -10.40 -1.55
C GLU A 78 10.46 -10.45 -2.86
N LEU A 79 10.43 -11.64 -3.46
CA LEU A 79 9.68 -11.89 -4.68
C LEU A 79 8.26 -12.34 -4.35
N CYS A 80 7.27 -11.66 -4.94
CA CYS A 80 5.85 -12.01 -4.81
C CYS A 80 5.34 -12.32 -6.21
N THR A 81 5.08 -13.60 -6.48
CA THR A 81 4.72 -14.03 -7.82
C THR A 81 3.23 -13.95 -8.11
N GLY A 82 2.41 -13.55 -7.14
CA GLY A 82 0.99 -13.45 -7.33
C GLY A 82 0.48 -12.16 -7.93
N GLY A 83 1.36 -11.20 -8.20
CA GLY A 83 0.94 -9.94 -8.77
C GLY A 83 0.39 -8.99 -7.72
N SER A 84 -0.18 -7.90 -8.19
CA SER A 84 -0.70 -6.86 -7.31
C SER A 84 -2.16 -7.13 -6.98
N LEU A 85 -2.59 -6.57 -5.84
CA LEU A 85 -4.01 -6.61 -5.49
C LEU A 85 -4.85 -5.91 -6.53
N LYS A 86 -4.32 -4.85 -7.15
CA LYS A 86 -5.02 -4.18 -8.23
C LYS A 86 -5.38 -5.16 -9.34
N THR A 87 -4.46 -6.05 -9.69
CA THR A 87 -4.75 -7.02 -10.75
C THR A 87 -5.78 -8.04 -10.29
N VAL A 88 -5.72 -8.46 -9.03
CA VAL A 88 -6.71 -9.42 -8.52
C VAL A 88 -8.10 -8.82 -8.62
N ILE A 89 -8.25 -7.57 -8.20
CA ILE A 89 -9.57 -6.92 -8.23
C ILE A 89 -10.06 -6.80 -9.67
N ALA A 90 -9.17 -6.41 -10.58
CA ALA A 90 -9.56 -6.23 -11.98
C ALA A 90 -9.98 -7.55 -12.61
N GLN A 91 -9.39 -8.66 -12.17
CA GLN A 91 -9.70 -9.96 -12.77
C GLN A 91 -11.07 -10.46 -12.31
N ASP A 92 -11.25 -10.65 -11.01
CA ASP A 92 -12.49 -11.18 -10.48
C ASP A 92 -13.67 -10.24 -10.68
N GLU A 93 -13.40 -8.93 -10.83
CA GLU A 93 -14.43 -7.90 -10.91
C GLU A 93 -14.95 -7.55 -9.52
N ASN A 94 -14.94 -8.51 -8.61
CA ASN A 94 -15.41 -8.32 -7.24
C ASN A 94 -15.11 -9.59 -6.46
N LEU A 95 -14.77 -9.44 -5.17
CA LEU A 95 -14.36 -10.56 -4.35
C LEU A 95 -15.44 -10.93 -3.34
N PRO A 96 -15.70 -12.22 -3.12
CA PRO A 96 -16.67 -12.60 -2.09
C PRO A 96 -16.29 -12.05 -0.73
N GLU A 97 -17.28 -11.87 0.13
CA GLU A 97 -17.02 -11.24 1.43
C GLU A 97 -16.06 -12.07 2.27
N ASP A 98 -16.11 -13.40 2.16
CA ASP A 98 -15.18 -14.23 2.91
C ASP A 98 -13.75 -14.00 2.45
N VAL A 99 -13.55 -13.76 1.15
CA VAL A 99 -12.21 -13.47 0.63
C VAL A 99 -11.77 -12.09 1.08
N VAL A 100 -12.68 -11.12 1.09
CA VAL A 100 -12.34 -9.78 1.57
C VAL A 100 -11.91 -9.85 3.02
N ARG A 101 -12.58 -10.67 3.83
CA ARG A 101 -12.22 -10.81 5.24
C ARG A 101 -10.83 -11.41 5.38
N GLU A 102 -10.53 -12.46 4.60
CA GLU A 102 -9.23 -13.12 4.66
C GLU A 102 -8.13 -12.16 4.24
N PHE A 103 -8.31 -11.48 3.11
CA PHE A 103 -7.35 -10.47 2.69
C PHE A 103 -7.25 -9.33 3.69
N GLY A 104 -8.39 -8.92 4.24
CA GLY A 104 -8.37 -7.82 5.21
C GLY A 104 -7.57 -8.15 6.45
N ILE A 105 -7.61 -9.41 6.89
CA ILE A 105 -6.83 -9.81 8.05
C ILE A 105 -5.34 -9.66 7.74
N ASP A 106 -4.94 -9.98 6.51
CA ASP A 106 -3.56 -9.75 6.09
C ASP A 106 -3.21 -8.26 6.13
N LEU A 107 -4.05 -7.43 5.52
CA LEU A 107 -3.82 -5.99 5.52
C LEU A 107 -3.75 -5.44 6.93
N ILE A 108 -4.64 -5.90 7.81
CA ILE A 108 -4.63 -5.43 9.19
C ILE A 108 -3.31 -5.80 9.87
N SER A 109 -2.88 -7.05 9.71
N SER A 109 -2.89 -7.05 9.70
CA SER A 109 -1.67 -7.51 10.38
CA SER A 109 -1.68 -7.52 10.37
C SER A 109 -0.48 -6.67 9.94
C SER A 109 -0.46 -6.70 9.94
N GLY A 110 -0.35 -6.42 8.64
CA GLY A 110 0.77 -5.63 8.16
C GLY A 110 0.69 -4.17 8.59
N LEU A 111 -0.49 -3.57 8.48
CA LEU A 111 -0.62 -2.15 8.83
C LEU A 111 -0.45 -1.95 10.34
N HIS A 112 -0.95 -2.91 11.13
CA HIS A 112 -0.79 -2.86 12.58
C HIS A 112 0.69 -2.90 12.97
N HIS A 113 1.47 -3.72 12.26
CA HIS A 113 2.90 -3.80 12.53
C HIS A 113 3.59 -2.48 12.22
N LEU A 114 3.22 -1.86 11.09
CA LEU A 114 3.79 -0.57 10.73
C LEU A 114 3.42 0.51 11.73
N HIS A 115 2.13 0.64 12.05
CA HIS A 115 1.69 1.71 12.93
C HIS A 115 2.27 1.54 14.33
N LYS A 116 2.42 0.31 14.81
CA LYS A 116 3.09 0.09 16.08
C LYS A 116 4.48 0.71 16.09
N LEU A 117 5.18 0.64 14.96
CA LEU A 117 6.51 1.20 14.80
C LEU A 117 6.52 2.69 14.52
N GLY A 118 5.34 3.30 14.36
CA GLY A 118 5.27 4.70 14.02
C GLY A 118 5.46 5.00 12.55
N ILE A 119 5.29 4.01 11.68
CA ILE A 119 5.45 4.16 10.24
C ILE A 119 4.08 4.30 9.59
N LEU A 120 3.91 5.38 8.84
CA LEU A 120 2.69 5.60 8.06
C LEU A 120 2.95 5.21 6.62
N PHE A 121 2.01 4.46 6.03
CA PHE A 121 2.18 4.03 4.64
C PHE A 121 1.79 5.15 3.67
N CYS A 122 0.77 5.93 4.02
CA CYS A 122 0.44 7.19 3.35
C CYS A 122 -0.15 7.03 1.96
N ASP A 123 0.12 5.92 1.27
CA ASP A 123 -0.43 5.71 -0.07
C ASP A 123 -0.97 4.29 -0.17
N ILE A 124 -1.75 3.89 0.83
CA ILE A 124 -2.43 2.60 0.76
C ILE A 124 -3.28 2.58 -0.50
N SER A 125 -3.04 1.59 -1.34
CA SER A 125 -3.68 1.50 -2.65
C SER A 125 -3.48 0.09 -3.19
N PRO A 126 -4.36 -0.39 -4.07
CA PRO A 126 -4.24 -1.79 -4.53
C PRO A 126 -2.93 -2.08 -5.27
N ARG A 127 -2.37 -1.09 -5.98
CA ARG A 127 -1.16 -1.34 -6.75
C ARG A 127 0.07 -1.48 -5.89
N LYS A 128 0.03 -1.02 -4.63
CA LYS A 128 1.16 -1.13 -3.72
C LYS A 128 1.01 -2.28 -2.75
N ILE A 129 0.14 -3.24 -3.07
N ILE A 129 0.11 -3.23 -3.05
CA ILE A 129 -0.05 -4.47 -2.29
CA ILE A 129 -0.01 -4.47 -2.31
C ILE A 129 0.18 -5.65 -3.22
C ILE A 129 0.26 -5.61 -3.26
N LEU A 130 1.10 -6.54 -2.85
CA LEU A 130 1.40 -7.73 -3.63
C LEU A 130 0.88 -8.98 -2.94
N LEU A 131 0.64 -10.01 -3.73
CA LEU A 131 0.19 -11.31 -3.24
C LEU A 131 1.33 -12.33 -3.34
N GLU A 132 1.49 -13.09 -2.27
CA GLU A 132 2.41 -14.23 -2.29
C GLU A 132 1.89 -15.34 -3.18
N GLY A 133 0.61 -15.66 -3.08
CA GLY A 133 0.00 -16.75 -3.82
C GLY A 133 -0.17 -17.98 -2.96
N PRO A 134 -1.41 -18.47 -2.78
CA PRO A 134 -2.67 -18.00 -3.34
C PRO A 134 -3.11 -16.66 -2.78
N GLY A 135 -2.83 -16.44 -1.49
CA GLY A 135 -3.14 -15.19 -0.85
C GLY A 135 -1.91 -14.55 -0.24
N THR A 136 -1.96 -14.28 1.06
CA THR A 136 -0.89 -13.60 1.76
C THR A 136 -0.54 -12.30 1.06
N LEU A 137 -1.28 -11.24 1.39
CA LEU A 137 -1.00 -9.92 0.88
C LEU A 137 0.17 -9.29 1.64
N LYS A 138 0.95 -8.46 0.93
CA LYS A 138 2.09 -7.79 1.54
C LYS A 138 2.15 -6.36 1.04
N PHE A 139 2.37 -5.43 1.98
CA PHE A 139 2.69 -4.06 1.61
C PHE A 139 4.05 -4.03 0.93
N SER A 140 4.12 -3.41 -0.27
CA SER A 140 5.22 -3.71 -1.17
C SER A 140 5.87 -2.51 -1.84
N ASN A 141 5.62 -1.29 -1.37
CA ASN A 141 6.23 -0.11 -1.99
C ASN A 141 6.25 0.99 -0.94
N PHE A 142 7.43 1.34 -0.45
CA PHE A 142 7.57 2.29 0.66
C PHE A 142 8.22 3.60 0.24
N CYS A 143 8.21 3.90 -1.06
CA CYS A 143 8.80 5.16 -1.54
C CYS A 143 8.19 6.36 -0.84
N LEU A 144 6.88 6.34 -0.57
CA LEU A 144 6.17 7.49 -0.02
C LEU A 144 5.76 7.28 1.44
N ALA A 145 6.14 6.18 2.06
CA ALA A 145 5.90 6.00 3.47
C ALA A 145 6.79 6.95 4.27
N LYS A 146 6.49 7.09 5.56
CA LYS A 146 7.31 7.93 6.42
C LYS A 146 7.02 7.61 7.88
N VAL A 147 7.86 8.14 8.75
CA VAL A 147 7.62 8.08 10.18
C VAL A 147 6.70 9.22 10.56
N GLU A 148 5.81 8.97 11.52
CA GLU A 148 4.87 9.98 11.97
C GLU A 148 5.55 11.32 12.20
N GLY A 149 4.95 12.38 11.68
CA GLY A 149 5.40 13.73 11.93
C GLY A 149 6.53 14.19 11.05
N GLU A 150 7.10 13.31 10.22
CA GLU A 150 8.24 13.70 9.39
C GLU A 150 7.80 14.58 8.24
N ASN A 151 8.74 15.41 7.78
CA ASN A 151 8.59 16.18 6.55
C ASN A 151 9.32 15.41 5.46
N LEU A 152 8.56 14.72 4.61
CA LEU A 152 9.19 13.84 3.62
C LEU A 152 9.82 14.62 2.48
N GLU A 153 9.29 15.80 2.17
CA GLU A 153 9.94 16.66 1.19
C GLU A 153 11.34 17.02 1.64
N GLU A 154 11.46 17.40 2.91
CA GLU A 154 12.76 17.72 3.48
C GLU A 154 13.71 16.52 3.41
N PHE A 155 13.20 15.32 3.70
CA PHE A 155 14.05 14.13 3.64
C PHE A 155 14.51 13.87 2.22
N PHE A 156 13.59 13.95 1.25
CA PHE A 156 13.97 13.75 -0.14
C PHE A 156 15.03 14.75 -0.57
N ALA A 157 14.86 16.03 -0.19
CA ALA A 157 15.81 17.05 -0.59
C ALA A 157 17.19 16.80 -0.01
N LEU A 158 17.25 16.28 1.22
CA LEU A 158 18.55 15.99 1.83
C LEU A 158 19.27 14.86 1.11
N VAL A 159 18.55 13.80 0.75
CA VAL A 159 19.18 12.72 -0.02
C VAL A 159 19.68 13.27 -1.35
N ALA A 160 18.84 14.01 -2.05
CA ALA A 160 19.24 14.56 -3.35
C ALA A 160 20.43 15.51 -3.21
N ALA A 161 20.50 16.26 -2.11
CA ALA A 161 21.57 17.23 -1.95
C ALA A 161 22.93 16.56 -1.85
N GLU A 162 23.03 15.45 -1.10
CA GLU A 162 24.31 14.78 -0.93
C GLU A 162 24.94 14.42 -2.27
N GLU A 163 24.12 14.00 -3.23
CA GLU A 163 24.61 13.70 -4.56
C GLU A 163 24.43 14.90 -5.49
N ALA A 175 11.00 22.49 -2.70
CA ALA A 175 9.73 22.72 -3.38
C ALA A 175 9.51 21.67 -4.46
N SER A 176 10.57 21.40 -5.24
CA SER A 176 10.50 20.33 -6.22
C SER A 176 10.06 19.02 -5.60
N MET A 177 10.44 18.79 -4.34
CA MET A 177 10.09 17.55 -3.65
C MET A 177 8.64 17.51 -3.21
N LYS A 178 7.96 18.65 -3.16
CA LYS A 178 6.55 18.64 -2.79
C LYS A 178 5.73 17.81 -3.77
N SER A 179 6.11 17.81 -5.04
CA SER A 179 5.42 16.99 -6.04
C SER A 179 5.78 15.52 -5.88
N ARG A 180 7.08 15.21 -5.83
CA ARG A 180 7.51 13.81 -5.81
C ARG A 180 6.92 13.01 -4.66
N VAL A 181 6.41 13.67 -3.62
CA VAL A 181 5.92 12.96 -2.45
C VAL A 181 4.41 12.75 -2.54
N LYS A 182 3.83 13.02 -3.71
CA LYS A 182 2.39 12.89 -3.91
C LYS A 182 2.07 11.49 -4.41
N GLY A 183 1.27 10.76 -3.64
CA GLY A 183 0.78 9.46 -4.06
C GLY A 183 -0.52 9.55 -4.82
N SER A 184 -1.43 8.58 -4.61
N SER A 184 -1.45 8.63 -4.56
CA SER A 184 -2.71 8.61 -5.30
CA SER A 184 -2.73 8.58 -5.28
C SER A 184 -3.70 9.46 -4.51
C SER A 184 -3.78 9.39 -4.52
N PRO A 185 -4.43 10.37 -5.15
CA PRO A 185 -5.44 11.16 -4.43
C PRO A 185 -6.73 10.39 -4.11
N VAL A 186 -6.93 9.21 -4.70
CA VAL A 186 -8.21 8.53 -4.60
C VAL A 186 -8.50 8.08 -3.16
N TYR A 187 -7.47 7.67 -2.42
CA TYR A 187 -7.64 7.10 -1.10
C TYR A 187 -7.29 8.08 0.02
N THR A 188 -7.10 9.36 -0.32
CA THR A 188 -6.68 10.36 0.66
C THR A 188 -7.82 10.74 1.59
N ALA A 189 -7.55 10.70 2.90
CA ALA A 189 -8.57 11.03 3.88
C ALA A 189 -8.97 12.51 3.80
N PRO A 190 -10.22 12.84 4.14
CA PRO A 190 -10.66 14.24 4.00
C PRO A 190 -9.80 15.26 4.72
N GLU A 191 -9.38 14.97 5.96
CA GLU A 191 -8.58 15.93 6.70
C GLU A 191 -7.26 16.21 6.00
N VAL A 192 -6.73 15.22 5.27
CA VAL A 192 -5.50 15.43 4.52
C VAL A 192 -5.77 16.22 3.24
N VAL A 193 -6.88 15.92 2.56
CA VAL A 193 -7.34 16.76 1.46
C VAL A 193 -7.36 18.22 1.90
N ARG A 194 -7.85 18.48 3.11
CA ARG A 194 -7.99 19.85 3.60
C ARG A 194 -6.70 20.46 4.11
N GLY A 195 -5.60 19.72 4.13
CA GLY A 195 -4.30 20.27 4.47
C GLY A 195 -3.63 19.65 5.67
N ALA A 196 -4.28 18.73 6.39
CA ALA A 196 -3.64 18.10 7.54
C ALA A 196 -2.57 17.12 7.07
N ASP A 197 -1.66 16.80 7.99
CA ASP A 197 -0.63 15.81 7.73
C ASP A 197 -1.20 14.40 7.88
N PHE A 198 -0.57 13.45 7.20
CA PHE A 198 -0.97 12.06 7.34
C PHE A 198 -0.86 11.61 8.79
N SER A 199 -1.66 10.60 9.13
CA SER A 199 -1.73 10.10 10.48
C SER A 199 -2.15 8.64 10.45
N ILE A 200 -2.07 7.99 11.61
CA ILE A 200 -2.61 6.64 11.75
C ILE A 200 -4.06 6.62 11.31
N SER A 201 -4.83 7.63 11.70
CA SER A 201 -6.26 7.66 11.37
C SER A 201 -6.48 7.81 9.86
N SER A 202 -5.65 8.61 9.18
CA SER A 202 -5.84 8.76 7.74
C SER A 202 -5.47 7.49 7.00
N ASP A 203 -4.51 6.70 7.53
CA ASP A 203 -4.26 5.38 6.97
C ASP A 203 -5.46 4.46 7.13
N LEU A 204 -6.14 4.55 8.28
CA LEU A 204 -7.32 3.70 8.48
C LEU A 204 -8.45 4.07 7.55
N TRP A 205 -8.60 5.36 7.22
CA TRP A 205 -9.52 5.75 6.17
C TRP A 205 -9.17 5.06 4.85
N SER A 206 -7.89 5.10 4.47
CA SER A 206 -7.49 4.49 3.20
C SER A 206 -7.74 2.99 3.22
N LEU A 207 -7.55 2.36 4.38
CA LEU A 207 -7.91 0.95 4.51
C LEU A 207 -9.38 0.73 4.23
N GLY A 208 -10.23 1.62 4.74
CA GLY A 208 -11.65 1.52 4.44
C GLY A 208 -11.94 1.62 2.95
N CYS A 209 -11.27 2.55 2.26
CA CYS A 209 -11.43 2.66 0.82
C CYS A 209 -11.01 1.37 0.12
N LEU A 210 -9.91 0.77 0.59
CA LEU A 210 -9.40 -0.44 -0.04
C LEU A 210 -10.36 -1.61 0.15
N LEU A 211 -10.88 -1.79 1.37
CA LEU A 211 -11.84 -2.86 1.62
C LEU A 211 -13.10 -2.66 0.79
N TYR A 212 -13.55 -1.41 0.68
CA TYR A 212 -14.70 -1.08 -0.15
C TYR A 212 -14.44 -1.48 -1.60
N GLU A 213 -13.25 -1.17 -2.12
CA GLU A 213 -12.94 -1.47 -3.52
C GLU A 213 -12.79 -2.96 -3.75
N MET A 214 -12.23 -3.68 -2.78
CA MET A 214 -12.10 -5.13 -2.92
C MET A 214 -13.46 -5.80 -3.08
N PHE A 215 -14.45 -5.35 -2.31
CA PHE A 215 -15.77 -5.96 -2.37
C PHE A 215 -16.55 -5.49 -3.58
N SER A 216 -16.52 -4.19 -3.88
CA SER A 216 -17.35 -3.63 -4.94
C SER A 216 -16.66 -3.59 -6.29
N GLY A 217 -15.33 -3.65 -6.34
CA GLY A 217 -14.59 -3.55 -7.58
C GLY A 217 -14.19 -2.14 -7.96
N LYS A 218 -14.64 -1.13 -7.23
CA LYS A 218 -14.30 0.26 -7.53
C LYS A 218 -14.12 1.03 -6.23
N PRO A 219 -13.32 2.10 -6.25
CA PRO A 219 -13.12 2.88 -5.02
C PRO A 219 -14.38 3.61 -4.64
N PRO A 220 -14.60 3.90 -3.35
CA PRO A 220 -15.83 4.59 -2.96
C PRO A 220 -15.95 5.99 -3.54
N PHE A 221 -14.82 6.68 -3.75
CA PHE A 221 -14.81 8.02 -4.30
C PHE A 221 -13.86 8.02 -5.49
N PHE A 222 -14.39 8.32 -6.67
CA PHE A 222 -13.52 8.36 -7.84
C PHE A 222 -14.04 9.35 -8.87
N SER A 223 -13.10 10.10 -9.45
CA SER A 223 -13.32 10.86 -10.65
C SER A 223 -11.99 10.95 -11.39
N GLU A 224 -12.05 10.88 -12.73
CA GLU A 224 -10.86 11.19 -13.51
C GLU A 224 -10.41 12.63 -13.28
N SER A 225 -11.36 13.52 -13.03
CA SER A 225 -11.07 14.91 -12.73
C SER A 225 -10.68 15.06 -11.26
N ILE A 226 -9.64 15.85 -11.00
CA ILE A 226 -9.16 16.02 -9.63
C ILE A 226 -10.16 16.80 -8.80
N SER A 227 -10.69 17.90 -9.35
CA SER A 227 -11.58 18.74 -8.55
C SER A 227 -12.84 18.00 -8.14
N GLU A 228 -13.40 17.19 -9.05
CA GLU A 228 -14.57 16.40 -8.70
C GLU A 228 -14.24 15.41 -7.59
N LEU A 229 -13.13 14.68 -7.74
CA LEU A 229 -12.72 13.72 -6.72
C LEU A 229 -12.60 14.38 -5.36
N THR A 230 -12.03 15.59 -5.32
CA THR A 230 -11.89 16.30 -4.06
C THR A 230 -13.25 16.55 -3.42
N GLU A 231 -14.23 16.94 -4.22
CA GLU A 231 -15.57 17.23 -3.68
C GLU A 231 -16.26 15.97 -3.20
N LYS A 232 -16.07 14.85 -3.90
CA LYS A 232 -16.69 13.60 -3.49
C LYS A 232 -16.16 13.15 -2.13
N ILE A 233 -14.84 13.20 -1.94
CA ILE A 233 -14.25 12.78 -0.67
C ILE A 233 -14.81 13.61 0.47
N LEU A 234 -15.04 14.90 0.23
CA LEU A 234 -15.46 15.81 1.31
C LEU A 234 -16.98 15.83 1.53
N CYS A 235 -17.78 15.38 0.57
CA CYS A 235 -19.24 15.55 0.69
C CYS A 235 -20.03 14.26 0.55
N GLU A 236 -19.54 13.33 -0.26
CA GLU A 236 -20.35 12.21 -0.68
C GLU A 236 -20.36 11.10 0.36
N ASP A 237 -21.51 10.43 0.50
CA ASP A 237 -21.66 9.27 1.38
C ASP A 237 -21.74 8.01 0.53
N PRO A 238 -20.82 7.05 0.66
CA PRO A 238 -20.71 5.98 -0.35
C PRO A 238 -21.42 4.67 -0.02
N LEU A 239 -21.91 4.49 1.19
CA LEU A 239 -22.38 3.17 1.59
C LEU A 239 -23.79 2.88 1.05
N PRO A 240 -24.07 1.60 0.72
CA PRO A 240 -23.20 0.43 0.86
C PRO A 240 -22.47 0.05 -0.43
N PRO A 241 -21.38 -0.70 -0.32
CA PRO A 241 -20.68 -1.17 -1.52
C PRO A 241 -21.47 -2.27 -2.19
N ILE A 242 -21.64 -2.17 -3.50
CA ILE A 242 -22.42 -3.11 -4.28
C ILE A 242 -21.54 -3.67 -5.38
N PRO A 243 -21.44 -4.99 -5.53
CA PRO A 243 -20.60 -5.54 -6.60
C PRO A 243 -21.07 -5.11 -7.98
N LYS A 244 -20.12 -5.03 -8.92
CA LYS A 244 -20.48 -4.77 -10.30
C LYS A 244 -21.44 -5.83 -10.83
N ASP A 245 -21.25 -7.08 -10.42
CA ASP A 245 -22.16 -8.17 -10.73
C ASP A 245 -23.31 -8.09 -9.72
N SER A 246 -24.37 -7.37 -10.10
CA SER A 246 -25.47 -7.10 -9.18
C SER A 246 -26.13 -8.37 -8.68
N SER A 247 -25.95 -9.49 -9.36
CA SER A 247 -26.54 -10.75 -8.90
C SER A 247 -25.83 -11.33 -7.69
N ARG A 248 -24.60 -10.89 -7.40
CA ARG A 248 -23.80 -11.47 -6.34
C ARG A 248 -24.30 -11.01 -4.97
N PRO A 249 -23.95 -11.75 -3.91
CA PRO A 249 -24.50 -11.43 -2.59
C PRO A 249 -24.18 -10.00 -2.15
N LYS A 250 -25.12 -9.41 -1.42
CA LYS A 250 -24.94 -8.08 -0.88
C LYS A 250 -24.06 -8.12 0.37
N ALA A 251 -23.51 -6.97 0.72
CA ALA A 251 -22.62 -6.87 1.87
C ALA A 251 -23.39 -7.17 3.15
N SER A 252 -22.74 -7.87 4.07
CA SER A 252 -23.32 -8.14 5.37
C SER A 252 -23.44 -6.84 6.17
N SER A 253 -24.33 -6.86 7.17
CA SER A 253 -24.48 -5.69 8.03
C SER A 253 -23.21 -5.44 8.84
N ASP A 254 -22.48 -6.49 9.20
CA ASP A 254 -21.20 -6.30 9.88
C ASP A 254 -20.21 -5.58 8.98
N PHE A 255 -20.12 -5.98 7.71
CA PHE A 255 -19.16 -5.35 6.79
C PHE A 255 -19.53 -3.90 6.53
N ILE A 256 -20.82 -3.62 6.33
CA ILE A 256 -21.27 -2.24 6.15
C ILE A 256 -20.94 -1.41 7.39
N ASN A 257 -21.16 -1.97 8.58
CA ASN A 257 -20.87 -1.25 9.81
C ASN A 257 -19.38 -0.94 9.91
N LEU A 258 -18.53 -1.90 9.52
CA LEU A 258 -17.09 -1.67 9.56
C LEU A 258 -16.70 -0.52 8.64
N LEU A 259 -17.21 -0.52 7.41
CA LEU A 259 -16.89 0.54 6.48
C LEU A 259 -17.40 1.89 6.97
N ASP A 260 -18.60 1.91 7.56
CA ASP A 260 -19.12 3.17 8.08
C ASP A 260 -18.21 3.76 9.14
N GLY A 261 -17.56 2.91 9.94
CA GLY A 261 -16.64 3.40 10.94
C GLY A 261 -15.34 3.90 10.32
N LEU A 262 -14.83 3.19 9.32
CA LEU A 262 -13.57 3.56 8.71
C LEU A 262 -13.69 4.80 7.82
N LEU A 263 -14.86 5.00 7.21
CA LEU A 263 -15.06 6.10 6.28
C LEU A 263 -15.81 7.27 6.91
N GLN A 264 -15.74 7.41 8.23
CA GLN A 264 -16.12 8.65 8.87
C GLN A 264 -15.21 9.77 8.38
N ARG A 265 -15.81 10.87 7.92
CA ARG A 265 -15.00 12.00 7.47
C ARG A 265 -14.32 12.70 8.62
N ASP A 266 -14.96 12.73 9.78
CA ASP A 266 -14.36 13.34 10.96
C ASP A 266 -13.41 12.33 11.60
N PRO A 267 -12.09 12.58 11.61
CA PRO A 267 -11.17 11.59 12.20
C PRO A 267 -11.40 11.35 13.68
N GLN A 268 -11.96 12.32 14.41
CA GLN A 268 -12.28 12.07 15.81
C GLN A 268 -13.43 11.09 15.97
N LYS A 269 -14.28 10.94 14.95
CA LYS A 269 -15.37 9.97 14.96
C LYS A 269 -14.98 8.65 14.31
N ARG A 270 -13.86 8.61 13.60
CA ARG A 270 -13.47 7.42 12.86
C ARG A 270 -13.13 6.28 13.80
N LEU A 271 -13.38 5.06 13.34
CA LEU A 271 -13.03 3.85 14.08
C LEU A 271 -11.57 3.89 14.52
N THR A 272 -11.34 3.55 15.79
CA THR A 272 -9.99 3.45 16.32
C THR A 272 -9.42 2.06 16.07
N TRP A 273 -8.10 1.94 16.20
CA TRP A 273 -7.46 0.63 16.09
C TRP A 273 -8.08 -0.37 17.05
N THR A 274 -8.23 0.04 18.32
CA THR A 274 -8.75 -0.88 19.33
C THR A 274 -10.11 -1.43 18.93
N ARG A 275 -11.00 -0.55 18.45
CA ARG A 275 -12.32 -1.01 18.02
C ARG A 275 -12.24 -1.74 16.68
N LEU A 276 -11.29 -1.38 15.82
CA LEU A 276 -11.13 -2.06 14.55
C LEU A 276 -10.81 -3.54 14.77
N LEU A 277 -9.86 -3.83 15.66
CA LEU A 277 -9.46 -5.21 15.90
C LEU A 277 -10.58 -6.03 16.53
N GLN A 278 -11.42 -5.39 17.34
CA GLN A 278 -12.52 -6.09 18.01
C GLN A 278 -13.77 -6.20 17.15
N HIS A 279 -13.76 -5.67 15.93
CA HIS A 279 -15.00 -5.58 15.16
C HIS A 279 -15.52 -6.96 14.79
N SER A 280 -16.86 -7.11 14.79
CA SER A 280 -17.49 -8.39 14.56
C SER A 280 -17.14 -8.97 13.19
N PHE A 281 -16.83 -8.11 12.23
CA PHE A 281 -16.52 -8.57 10.87
C PHE A 281 -15.35 -9.56 10.88
N TRP A 282 -14.39 -9.39 11.78
CA TRP A 282 -13.22 -10.25 11.79
C TRP A 282 -13.49 -11.62 12.39
N LYS A 283 -14.68 -11.84 12.94
CA LYS A 283 -15.05 -13.13 13.52
C LYS A 283 -13.98 -13.60 14.50
N LYS A 284 -13.57 -12.68 15.38
CA LYS A 284 -12.64 -12.94 16.47
C LYS A 284 -11.26 -13.32 15.97
N ALA A 285 -10.90 -12.92 14.75
CA ALA A 285 -9.57 -13.21 14.23
C ALA A 285 -8.48 -12.62 15.12
N PHE A 286 -8.77 -11.54 15.83
CA PHE A 286 -7.80 -10.84 16.67
C PHE A 286 -8.14 -10.93 18.14
N ALA A 287 -8.98 -11.86 18.54
CA ALA A 287 -9.37 -12.01 19.93
C ALA A 287 -8.17 -12.39 20.80
#